data_4OVX
#
_entry.id   4OVX
#
_cell.length_a   88.305
_cell.length_b   88.305
_cell.length_c   132.907
_cell.angle_alpha   90.000
_cell.angle_beta   90.000
_cell.angle_gamma   90.000
#
_symmetry.space_group_name_H-M   'P 43 21 2'
#
loop_
_entity.id
_entity.type
_entity.pdbx_description
1 polymer 'Xylose isomerase domain protein TIM barrel'
2 non-polymer 1,2-ETHANEDIOL
3 water water
#
_entity_poly.entity_id   1
_entity_poly.type   'polypeptide(L)'
_entity_poly.pdbx_seq_one_letter_code
;AALQTSASPFEISLAQWSLHKAFFDKKADP(MSE)DFAKIAKEEFGINAIEYVNQFYKGKAEDQAFLADLKKRADDHGVK
SLLI(MSE)CDGEGALGDADEAKRKKAVENHYKWVAAAKYLGCHSIRVNAQSGGSYDEQLARAADGLRRLTEFAATHDIN
VIVENHGGLSSNGAWLAAV(MSE)KKVDHPRCGTLPDFGNFRVSKDE(MSE)YDRYKGVEEL(MSE)PFAKAVSAKSHDF
DAAGNEIHTDYRK(MSE)(MSE)KIVASFGYKGYVGIEYEGSKISEADGIKATKKLLETVRSE(MSE)A
;
_entity_poly.pdbx_strand_id   A
#
# COMPACT_ATOMS: atom_id res chain seq x y z
N SER A 8 11.90 2.46 -17.04
CA SER A 8 12.27 1.10 -17.46
C SER A 8 12.83 0.29 -16.28
N PRO A 9 13.77 0.86 -15.50
CA PRO A 9 14.07 0.08 -14.28
C PRO A 9 12.82 -0.12 -13.38
N PHE A 10 11.96 0.88 -13.31
CA PHE A 10 10.69 0.83 -12.57
C PHE A 10 9.85 2.03 -12.94
N GLU A 11 8.60 2.04 -12.51
CA GLU A 11 7.74 3.15 -12.85
C GLU A 11 7.25 3.79 -11.57
N ILE A 12 6.80 5.04 -11.67
CA ILE A 12 6.40 5.78 -10.49
C ILE A 12 4.89 5.96 -10.42
N SER A 13 4.31 5.63 -9.27
CA SER A 13 2.90 5.83 -9.06
C SER A 13 2.69 6.71 -7.85
N LEU A 14 1.44 7.09 -7.59
CA LEU A 14 1.15 7.93 -6.46
C LEU A 14 0.13 7.27 -5.52
N ALA A 15 0.49 7.15 -4.24
CA ALA A 15 -0.46 6.58 -3.28
C ALA A 15 -1.27 7.69 -2.61
N GLN A 16 -2.57 7.45 -2.45
CA GLN A 16 -3.51 8.52 -2.15
C GLN A 16 -3.30 9.16 -0.78
N TRP A 17 -2.71 8.44 0.16
CA TRP A 17 -2.45 9.02 1.47
C TRP A 17 -1.49 10.22 1.41
N SER A 18 -0.73 10.37 0.32
CA SER A 18 0.14 11.54 0.14
C SER A 18 -0.67 12.81 0.13
N LEU A 19 -1.97 12.68 -0.16
CA LEU A 19 -2.84 13.84 -0.30
C LEU A 19 -3.92 13.84 0.75
N HIS A 20 -3.73 13.09 1.83
CA HIS A 20 -4.83 12.87 2.76
C HIS A 20 -5.26 14.16 3.45
N LYS A 21 -4.34 15.09 3.68
N LYS A 21 -4.33 15.07 3.69
CA LYS A 21 -4.77 16.33 4.33
CA LYS A 21 -4.69 16.34 4.32
C LYS A 21 -5.58 17.18 3.35
C LYS A 21 -5.55 17.18 3.36
N ALA A 22 -5.21 17.19 2.08
CA ALA A 22 -5.98 17.95 1.07
C ALA A 22 -7.42 17.42 0.97
N PHE A 23 -7.56 16.09 0.91
CA PHE A 23 -8.88 15.49 0.79
C PHE A 23 -9.69 15.66 2.09
N PHE A 24 -9.12 15.30 3.24
CA PHE A 24 -9.87 15.43 4.50
C PHE A 24 -10.29 16.89 4.79
N ASP A 25 -9.46 17.86 4.39
CA ASP A 25 -9.80 19.26 4.64
C ASP A 25 -10.75 19.80 3.57
N LYS A 26 -11.12 18.94 2.63
CA LYS A 26 -12.08 19.28 1.55
C LYS A 26 -11.52 20.36 0.64
N LYS A 27 -10.22 20.28 0.37
CA LYS A 27 -9.56 21.23 -0.52
C LYS A 27 -9.31 20.56 -1.84
N ALA A 28 -9.75 19.32 -1.94
CA ALA A 28 -9.69 18.57 -3.19
C ALA A 28 -10.70 17.43 -3.12
N ASP A 29 -11.28 17.11 -4.26
CA ASP A 29 -12.28 16.07 -4.37
C ASP A 29 -11.60 14.73 -4.68
N PRO A 30 -11.78 13.74 -3.80
CA PRO A 30 -11.28 12.37 -4.01
C PRO A 30 -11.56 11.81 -5.41
N ASP A 32 -11.29 13.36 -8.11
CA ASP A 32 -10.32 13.92 -9.05
C ASP A 32 -8.91 13.37 -8.81
N PHE A 33 -8.80 12.30 -8.04
CA PHE A 33 -7.50 11.78 -7.65
C PHE A 33 -6.65 11.53 -8.90
N ALA A 34 -7.23 10.85 -9.90
CA ALA A 34 -6.52 10.57 -11.15
C ALA A 34 -6.12 11.86 -11.86
N LYS A 35 -7.05 12.79 -12.00
CA LYS A 35 -6.75 14.08 -12.61
C LYS A 35 -5.59 14.78 -11.89
N ILE A 36 -5.66 14.81 -10.57
CA ILE A 36 -4.69 15.54 -9.77
C ILE A 36 -3.31 14.93 -9.90
N ALA A 37 -3.24 13.62 -9.82
CA ALA A 37 -1.98 12.90 -10.01
C ALA A 37 -1.33 13.24 -11.37
N LYS A 38 -2.16 13.15 -12.42
CA LYS A 38 -1.70 13.40 -13.76
C LYS A 38 -1.29 14.85 -14.00
N GLU A 39 -2.15 15.79 -13.63
CA GLU A 39 -1.96 17.21 -14.00
C GLU A 39 -1.12 18.03 -13.02
N GLU A 40 -1.30 17.81 -11.71
CA GLU A 40 -0.48 18.52 -10.72
C GLU A 40 0.91 17.89 -10.57
N PHE A 41 1.02 16.57 -10.79
CA PHE A 41 2.26 15.91 -10.45
C PHE A 41 2.93 15.13 -11.57
N GLY A 42 2.33 15.09 -12.75
CA GLY A 42 2.90 14.36 -13.86
C GLY A 42 3.02 12.87 -13.60
N ILE A 43 2.05 12.30 -12.90
CA ILE A 43 2.07 10.86 -12.57
C ILE A 43 0.88 10.14 -13.20
N ASN A 44 1.12 9.02 -13.87
CA ASN A 44 0.03 8.35 -14.59
C ASN A 44 -0.35 6.98 -14.03
N ALA A 45 -0.06 6.74 -12.75
CA ALA A 45 -0.59 5.56 -12.07
C ALA A 45 -0.90 5.88 -10.62
N ILE A 46 -1.99 5.32 -10.11
CA ILE A 46 -2.42 5.62 -8.74
C ILE A 46 -2.80 4.42 -7.89
N GLU A 47 -2.66 4.61 -6.59
CA GLU A 47 -3.07 3.63 -5.59
C GLU A 47 -4.07 4.32 -4.66
N TYR A 48 -5.31 3.85 -4.67
CA TYR A 48 -6.36 4.47 -3.86
C TYR A 48 -6.29 4.07 -2.38
N VAL A 49 -6.92 4.87 -1.55
CA VAL A 49 -7.10 4.52 -0.15
C VAL A 49 -8.61 4.52 0.12
N ASN A 50 -9.16 3.41 0.62
CA ASN A 50 -10.62 3.28 0.68
C ASN A 50 -11.29 4.30 1.62
N GLN A 51 -10.54 4.87 2.56
CA GLN A 51 -11.07 5.92 3.46
C GLN A 51 -11.66 7.13 2.73
N PHE A 52 -11.26 7.38 1.50
CA PHE A 52 -11.78 8.54 0.77
C PHE A 52 -13.02 8.19 -0.07
N TYR A 53 -13.52 6.96 0.07
CA TYR A 53 -14.68 6.51 -0.71
C TYR A 53 -15.59 5.67 0.16
N LYS A 54 -15.72 6.06 1.43
CA LYS A 54 -16.48 5.27 2.40
C LYS A 54 -17.91 5.09 1.95
N GLY A 55 -18.39 3.86 2.00
CA GLY A 55 -19.76 3.55 1.67
C GLY A 55 -20.02 3.31 0.20
N LYS A 56 -19.00 3.49 -0.62
CA LYS A 56 -19.19 3.52 -2.08
C LYS A 56 -18.79 2.27 -2.84
N ALA A 57 -18.23 1.27 -2.16
CA ALA A 57 -17.60 0.15 -2.84
C ALA A 57 -18.53 -0.64 -3.76
N GLU A 58 -19.82 -0.66 -3.46
CA GLU A 58 -20.74 -1.48 -4.24
C GLU A 58 -21.62 -0.62 -5.11
N ASP A 59 -21.35 0.68 -5.07
CA ASP A 59 -22.07 1.64 -5.90
C ASP A 59 -21.57 1.55 -7.35
N GLN A 60 -22.37 0.90 -8.21
CA GLN A 60 -21.95 0.62 -9.59
C GLN A 60 -21.75 1.89 -10.40
N ALA A 61 -22.56 2.91 -10.11
CA ALA A 61 -22.43 4.20 -10.78
C ALA A 61 -21.12 4.89 -10.34
N PHE A 62 -20.77 4.76 -9.07
CA PHE A 62 -19.55 5.39 -8.58
C PHE A 62 -18.33 4.73 -9.24
N LEU A 63 -18.32 3.40 -9.25
CA LEU A 63 -17.24 2.65 -9.87
C LEU A 63 -17.08 3.03 -11.34
N ALA A 64 -18.19 3.06 -12.08
CA ALA A 64 -18.16 3.47 -13.48
C ALA A 64 -17.56 4.86 -13.64
N ASP A 65 -17.97 5.78 -12.77
CA ASP A 65 -17.43 7.13 -12.79
C ASP A 65 -15.92 7.16 -12.48
N LEU A 66 -15.53 6.54 -11.38
CA LEU A 66 -14.12 6.53 -11.01
C LEU A 66 -13.28 5.90 -12.14
N LYS A 67 -13.79 4.83 -12.75
CA LYS A 67 -13.03 4.18 -13.81
C LYS A 67 -12.90 5.10 -15.01
N LYS A 68 -13.95 5.87 -15.29
CA LYS A 68 -13.96 6.75 -16.46
C LYS A 68 -12.97 7.91 -16.28
N ARG A 69 -12.91 8.46 -15.07
CA ARG A 69 -12.04 9.60 -14.83
C ARG A 69 -10.60 9.18 -15.01
N ALA A 70 -10.29 7.96 -14.58
CA ALA A 70 -8.96 7.41 -14.76
C ALA A 70 -8.66 7.23 -16.24
N ASP A 71 -9.58 6.60 -16.96
CA ASP A 71 -9.41 6.38 -18.40
C ASP A 71 -9.21 7.71 -19.14
N ASP A 72 -10.09 8.69 -18.88
CA ASP A 72 -9.99 9.99 -19.56
C ASP A 72 -8.65 10.66 -19.35
N HIS A 73 -8.05 10.50 -18.17
CA HIS A 73 -6.80 11.18 -17.93
C HIS A 73 -5.59 10.28 -18.19
N GLY A 74 -5.84 9.13 -18.83
CA GLY A 74 -4.78 8.18 -19.12
C GLY A 74 -4.03 7.72 -17.86
N VAL A 75 -4.77 7.47 -16.78
CA VAL A 75 -4.14 7.04 -15.52
C VAL A 75 -4.48 5.59 -15.22
N LYS A 76 -3.46 4.81 -14.86
CA LYS A 76 -3.62 3.41 -14.47
C LYS A 76 -4.04 3.25 -13.00
N SER A 77 -5.13 2.52 -12.74
CA SER A 77 -5.49 2.11 -11.38
C SER A 77 -4.74 0.84 -10.96
N LEU A 78 -3.96 0.91 -9.88
CA LEU A 78 -3.10 -0.23 -9.52
C LEU A 78 -3.64 -1.13 -8.42
N LEU A 79 -4.13 -0.52 -7.35
CA LEU A 79 -4.53 -1.27 -6.17
C LEU A 79 -5.36 -0.39 -5.25
N ILE A 80 -6.09 -1.02 -4.34
CA ILE A 80 -6.79 -0.27 -3.31
C ILE A 80 -6.25 -0.63 -1.93
N CYS A 82 -6.83 -0.80 1.89
CA CYS A 82 -8.03 -0.92 2.71
C CYS A 82 -7.72 -0.69 4.18
N ASP A 83 -8.35 0.34 4.74
CA ASP A 83 -8.29 0.65 6.16
C ASP A 83 -9.69 0.56 6.78
N GLY A 84 -9.74 0.46 8.11
CA GLY A 84 -11.00 0.50 8.83
C GLY A 84 -12.00 -0.63 8.56
N GLU A 85 -11.56 -1.75 8.01
CA GLU A 85 -12.49 -2.87 7.78
C GLU A 85 -12.29 -4.03 8.77
N GLY A 86 -11.52 -3.78 9.83
CA GLY A 86 -11.31 -4.79 10.85
C GLY A 86 -9.91 -5.41 10.74
N ALA A 87 -9.50 -6.08 11.80
CA ALA A 87 -8.19 -6.72 11.91
C ALA A 87 -8.24 -8.09 11.29
N LEU A 88 -7.39 -8.35 10.31
N LEU A 88 -7.41 -8.36 10.30
CA LEU A 88 -7.42 -9.64 9.65
CA LEU A 88 -7.46 -9.66 9.66
C LEU A 88 -6.85 -10.77 10.50
C LEU A 88 -6.87 -10.79 10.53
N GLY A 89 -6.18 -10.43 11.60
CA GLY A 89 -5.73 -11.44 12.55
C GLY A 89 -6.41 -11.28 13.90
N ASP A 90 -7.62 -10.74 13.91
CA ASP A 90 -8.31 -10.45 15.17
C ASP A 90 -8.36 -11.69 16.05
N ALA A 91 -7.94 -11.55 17.32
CA ALA A 91 -7.96 -12.67 18.27
C ALA A 91 -9.37 -13.23 18.47
N ASP A 92 -10.36 -12.35 18.36
CA ASP A 92 -11.76 -12.76 18.42
C ASP A 92 -12.22 -13.38 17.10
N GLU A 93 -12.61 -14.65 17.16
CA GLU A 93 -13.01 -15.40 15.99
C GLU A 93 -14.08 -14.71 15.14
N ALA A 94 -15.17 -14.31 15.79
CA ALA A 94 -16.27 -13.64 15.10
C ALA A 94 -15.80 -12.37 14.40
N LYS A 95 -14.89 -11.62 15.02
CA LYS A 95 -14.42 -10.38 14.44
C LYS A 95 -13.48 -10.64 13.24
N ARG A 96 -12.71 -11.72 13.31
CA ARG A 96 -11.79 -12.04 12.21
C ARG A 96 -12.63 -12.41 10.99
N LYS A 97 -13.67 -13.19 11.19
CA LYS A 97 -14.55 -13.61 10.10
C LYS A 97 -15.18 -12.38 9.48
N LYS A 98 -15.65 -11.47 10.32
CA LYS A 98 -16.28 -10.24 9.84
C LYS A 98 -15.28 -9.36 9.09
N ALA A 99 -14.04 -9.31 9.58
CA ALA A 99 -12.97 -8.54 8.93
C ALA A 99 -12.72 -9.05 7.50
N VAL A 100 -12.57 -10.36 7.39
CA VAL A 100 -12.47 -11.01 6.08
C VAL A 100 -13.61 -10.61 5.14
N GLU A 101 -14.85 -10.78 5.59
CA GLU A 101 -16.02 -10.49 4.73
C GLU A 101 -16.15 -9.01 4.40
N ASN A 102 -15.72 -8.14 5.31
CA ASN A 102 -15.76 -6.70 5.04
C ASN A 102 -14.92 -6.31 3.82
N HIS A 103 -13.96 -7.16 3.44
CA HIS A 103 -13.07 -6.81 2.34
C HIS A 103 -13.57 -7.30 0.97
N TYR A 104 -14.55 -8.20 0.96
CA TYR A 104 -15.08 -8.72 -0.29
C TYR A 104 -15.46 -7.58 -1.24
N LYS A 105 -16.18 -6.57 -0.73
CA LYS A 105 -16.65 -5.49 -1.62
C LYS A 105 -15.47 -4.73 -2.23
N TRP A 106 -14.39 -4.60 -1.48
CA TRP A 106 -13.22 -3.89 -1.97
C TRP A 106 -12.46 -4.72 -2.99
N VAL A 107 -12.51 -6.04 -2.84
CA VAL A 107 -12.00 -6.93 -3.88
C VAL A 107 -12.74 -6.69 -5.21
N ALA A 108 -14.06 -6.72 -5.15
CA ALA A 108 -14.89 -6.50 -6.35
C ALA A 108 -14.63 -5.12 -6.96
N ALA A 109 -14.56 -4.10 -6.11
CA ALA A 109 -14.29 -2.75 -6.58
C ALA A 109 -12.94 -2.69 -7.31
N ALA A 110 -11.92 -3.34 -6.73
CA ALA A 110 -10.59 -3.38 -7.33
C ALA A 110 -10.63 -4.06 -8.69
N LYS A 111 -11.35 -5.16 -8.80
CA LYS A 111 -11.48 -5.87 -10.06
C LYS A 111 -12.13 -4.96 -11.08
N TYR A 112 -13.18 -4.27 -10.68
CA TYR A 112 -13.92 -3.37 -11.56
C TYR A 112 -13.00 -2.30 -12.18
N LEU A 113 -12.11 -1.75 -11.36
CA LEU A 113 -11.29 -0.62 -11.74
C LEU A 113 -10.07 -1.07 -12.53
N GLY A 114 -9.79 -2.37 -12.48
CA GLY A 114 -8.64 -2.93 -13.16
C GLY A 114 -7.41 -3.01 -12.27
N CYS A 115 -7.59 -2.84 -10.96
CA CYS A 115 -6.49 -3.01 -10.01
C CYS A 115 -6.00 -4.44 -9.97
N HIS A 116 -4.74 -4.64 -9.59
CA HIS A 116 -4.21 -6.00 -9.49
C HIS A 116 -4.28 -6.56 -8.06
N SER A 117 -4.52 -5.70 -7.07
CA SER A 117 -4.47 -6.13 -5.66
C SER A 117 -5.32 -5.26 -4.75
N ILE A 118 -5.57 -5.74 -3.54
CA ILE A 118 -5.98 -4.87 -2.45
C ILE A 118 -4.96 -4.99 -1.33
N ARG A 119 -4.63 -3.89 -0.68
CA ARG A 119 -3.69 -3.96 0.45
C ARG A 119 -4.48 -3.98 1.72
N VAL A 120 -4.18 -4.95 2.58
CA VAL A 120 -4.87 -5.08 3.84
C VAL A 120 -3.84 -5.12 4.99
N ASN A 121 -4.32 -5.14 6.23
CA ASN A 121 -3.45 -5.28 7.40
C ASN A 121 -3.23 -6.74 7.81
N ALA A 122 -2.30 -6.92 8.74
CA ALA A 122 -2.17 -8.21 9.41
C ALA A 122 -2.25 -7.98 10.92
N GLN A 123 -3.15 -7.10 11.33
N GLN A 123 -3.12 -7.06 11.33
CA GLN A 123 -3.28 -6.75 12.73
CA GLN A 123 -3.32 -6.70 12.73
C GLN A 123 -3.76 -7.96 13.52
C GLN A 123 -3.79 -7.93 13.53
N SER A 124 -3.13 -8.21 14.65
CA SER A 124 -3.54 -9.32 15.50
C SER A 124 -3.25 -9.04 16.96
N GLY A 125 -3.38 -10.05 17.83
CA GLY A 125 -3.14 -9.91 19.26
C GLY A 125 -2.66 -11.22 19.87
N GLY A 126 -1.91 -11.14 20.96
CA GLY A 126 -1.33 -12.32 21.58
C GLY A 126 0.18 -12.36 21.33
N SER A 127 0.83 -13.46 21.72
CA SER A 127 2.26 -13.58 21.51
C SER A 127 2.57 -13.89 20.04
N TYR A 128 3.86 -13.85 19.71
CA TYR A 128 4.38 -13.97 18.34
C TYR A 128 3.67 -15.05 17.50
N ASP A 129 3.59 -16.28 18.00
CA ASP A 129 3.01 -17.38 17.24
C ASP A 129 1.49 -17.37 17.18
N GLU A 130 0.83 -16.88 18.23
CA GLU A 130 -0.62 -16.68 18.18
C GLU A 130 -0.97 -15.70 17.05
N GLN A 131 -0.26 -14.58 16.99
CA GLN A 131 -0.55 -13.56 15.95
C GLN A 131 -0.25 -14.10 14.56
N LEU A 132 0.82 -14.90 14.46
CA LEU A 132 1.20 -15.47 13.17
C LEU A 132 0.09 -16.40 12.67
N ALA A 133 -0.41 -17.28 13.54
CA ALA A 133 -1.50 -18.18 13.18
C ALA A 133 -2.79 -17.42 12.83
N ARG A 134 -3.14 -16.40 13.63
CA ARG A 134 -4.36 -15.62 13.42
C ARG A 134 -4.31 -14.80 12.13
N ALA A 135 -3.21 -14.09 11.92
CA ALA A 135 -3.04 -13.30 10.70
C ALA A 135 -3.02 -14.24 9.49
N ALA A 136 -2.28 -15.34 9.55
CA ALA A 136 -2.24 -16.27 8.42
C ALA A 136 -3.64 -16.79 8.13
N ASP A 137 -4.43 -17.02 9.16
CA ASP A 137 -5.78 -17.52 8.95
C ASP A 137 -6.69 -16.51 8.21
N GLY A 138 -6.75 -15.27 8.71
CA GLY A 138 -7.55 -14.25 8.04
C GLY A 138 -7.10 -13.97 6.61
N LEU A 139 -5.80 -13.80 6.41
CA LEU A 139 -5.26 -13.56 5.07
C LEU A 139 -5.56 -14.70 4.09
N ARG A 140 -5.42 -15.95 4.53
CA ARG A 140 -5.69 -17.08 3.65
C ARG A 140 -7.17 -17.11 3.29
N ARG A 141 -8.02 -16.89 4.26
CA ARG A 141 -9.45 -16.86 3.99
C ARG A 141 -9.85 -15.77 3.01
N LEU A 142 -9.32 -14.57 3.18
CA LEU A 142 -9.63 -13.50 2.25
C LEU A 142 -9.02 -13.78 0.87
N THR A 143 -7.80 -14.33 0.84
CA THR A 143 -7.13 -14.63 -0.43
C THR A 143 -7.96 -15.68 -1.21
N GLU A 144 -8.62 -16.60 -0.51
CA GLU A 144 -9.45 -17.60 -1.19
C GLU A 144 -10.54 -16.89 -2.01
N PHE A 145 -11.17 -15.87 -1.43
CA PHE A 145 -12.20 -15.13 -2.13
C PHE A 145 -11.59 -14.33 -3.29
N ALA A 146 -10.49 -13.64 -3.01
CA ALA A 146 -9.89 -12.73 -3.96
C ALA A 146 -9.36 -13.44 -5.19
N ALA A 147 -8.84 -14.64 -4.99
CA ALA A 147 -8.29 -15.43 -6.08
C ALA A 147 -9.34 -15.72 -7.13
N THR A 148 -10.60 -15.86 -6.72
CA THR A 148 -11.69 -16.11 -7.67
C THR A 148 -11.97 -14.87 -8.52
N HIS A 149 -11.43 -13.72 -8.12
CA HIS A 149 -11.57 -12.50 -8.92
C HIS A 149 -10.27 -12.13 -9.59
N ASP A 150 -9.32 -13.05 -9.60
CA ASP A 150 -7.96 -12.81 -10.10
C ASP A 150 -7.33 -11.56 -9.51
N ILE A 151 -7.47 -11.43 -8.19
CA ILE A 151 -6.93 -10.27 -7.48
C ILE A 151 -6.07 -10.72 -6.31
N ASN A 152 -4.93 -10.06 -6.11
CA ASN A 152 -4.04 -10.39 -4.99
C ASN A 152 -4.44 -9.72 -3.67
N VAL A 153 -4.10 -10.37 -2.56
CA VAL A 153 -4.23 -9.77 -1.23
C VAL A 153 -2.83 -9.53 -0.70
N ILE A 154 -2.47 -8.27 -0.45
CA ILE A 154 -1.11 -8.03 -0.01
C ILE A 154 -1.07 -7.22 1.26
N VAL A 155 -0.07 -7.49 2.08
CA VAL A 155 0.08 -6.83 3.37
C VAL A 155 1.26 -5.84 3.33
N GLU A 156 1.02 -4.60 3.75
CA GLU A 156 2.06 -3.57 3.94
C GLU A 156 2.51 -3.56 5.40
N ASN A 157 3.82 -3.55 5.64
CA ASN A 157 4.29 -3.41 7.01
C ASN A 157 3.70 -2.15 7.59
N HIS A 158 3.18 -2.19 8.81
CA HIS A 158 2.49 -1.04 9.34
C HIS A 158 2.41 -1.01 10.87
N GLY A 159 3.51 -1.33 11.54
CA GLY A 159 3.50 -1.30 13.00
C GLY A 159 3.24 -2.67 13.60
N GLY A 160 3.63 -2.83 14.86
CA GLY A 160 3.48 -4.13 15.51
C GLY A 160 4.34 -5.17 14.82
N LEU A 161 3.89 -6.43 14.82
CA LEU A 161 4.67 -7.51 14.26
C LEU A 161 4.74 -7.42 12.73
N SER A 162 3.76 -6.74 12.13
CA SER A 162 3.79 -6.53 10.67
C SER A 162 5.01 -5.72 10.25
N SER A 163 5.64 -5.00 11.19
CA SER A 163 6.87 -4.28 10.91
C SER A 163 8.09 -5.16 11.16
N ASN A 164 7.85 -6.37 11.67
CA ASN A 164 8.94 -7.33 11.79
C ASN A 164 9.04 -8.15 10.49
N GLY A 165 10.09 -7.90 9.71
CA GLY A 165 10.22 -8.53 8.40
C GLY A 165 10.13 -10.05 8.40
N ALA A 166 10.80 -10.66 9.36
CA ALA A 166 10.80 -12.12 9.49
C ALA A 166 9.43 -12.66 9.91
N TRP A 167 8.72 -11.93 10.77
CA TRP A 167 7.37 -12.38 11.16
C TRP A 167 6.41 -12.34 9.95
N LEU A 168 6.41 -11.22 9.24
CA LEU A 168 5.51 -11.08 8.11
C LEU A 168 5.90 -12.05 6.99
N ALA A 169 7.20 -12.27 6.78
CA ALA A 169 7.61 -13.27 5.79
C ALA A 169 7.11 -14.66 6.20
N ALA A 170 7.22 -14.99 7.49
CA ALA A 170 6.71 -16.27 8.01
C ALA A 170 5.19 -16.39 7.83
N VAL A 171 4.46 -15.29 8.05
CA VAL A 171 3.02 -15.28 7.76
C VAL A 171 2.73 -15.63 6.31
N LYS A 173 4.57 -17.37 4.28
CA LYS A 173 4.89 -18.76 4.06
C LYS A 173 3.76 -19.65 4.56
N LYS A 174 3.18 -19.27 5.70
CA LYS A 174 2.09 -20.02 6.30
C LYS A 174 0.84 -19.90 5.43
N VAL A 175 0.55 -18.71 4.91
CA VAL A 175 -0.62 -18.51 4.07
C VAL A 175 -0.51 -19.38 2.81
N ASP A 176 0.70 -19.43 2.24
CA ASP A 176 1.04 -20.43 1.22
C ASP A 176 0.13 -20.37 0.02
N HIS A 177 -0.14 -19.16 -0.45
CA HIS A 177 -0.97 -18.95 -1.61
C HIS A 177 -0.28 -17.94 -2.53
N PRO A 178 -0.20 -18.25 -3.82
CA PRO A 178 0.52 -17.35 -4.73
C PRO A 178 -0.13 -15.97 -4.85
N ARG A 179 -1.39 -15.81 -4.45
CA ARG A 179 -2.06 -14.53 -4.60
C ARG A 179 -2.09 -13.73 -3.31
N CYS A 180 -1.40 -14.23 -2.30
CA CYS A 180 -1.18 -13.44 -1.09
C CYS A 180 0.29 -13.02 -1.04
N GLY A 181 0.54 -11.72 -0.96
CA GLY A 181 1.90 -11.22 -0.99
C GLY A 181 2.09 -10.00 -0.12
N THR A 182 3.14 -9.24 -0.39
CA THR A 182 3.52 -8.12 0.43
C THR A 182 3.53 -6.84 -0.36
N LEU A 183 3.42 -5.72 0.37
CA LEU A 183 3.63 -4.41 -0.18
C LEU A 183 4.66 -3.73 0.71
N PRO A 184 5.95 -3.95 0.42
CA PRO A 184 6.99 -3.41 1.31
C PRO A 184 6.99 -1.88 1.32
N ASP A 185 6.93 -1.30 2.52
CA ASP A 185 6.95 0.15 2.72
C ASP A 185 8.31 0.52 3.29
N PHE A 186 8.96 1.53 2.71
CA PHE A 186 10.35 1.86 3.09
C PHE A 186 10.51 2.25 4.56
N GLY A 187 9.47 2.84 5.14
CA GLY A 187 9.60 3.52 6.42
C GLY A 187 8.84 2.91 7.59
N ASN A 188 7.82 2.09 7.32
CA ASN A 188 6.99 1.56 8.39
C ASN A 188 7.65 0.42 9.16
N PHE A 189 8.63 0.73 10.00
CA PHE A 189 9.35 -0.35 10.70
C PHE A 189 9.42 -0.18 12.20
N ARG A 190 8.58 0.70 12.74
CA ARG A 190 8.45 0.75 14.18
C ARG A 190 7.53 -0.39 14.65
N VAL A 191 8.11 -1.43 15.25
CA VAL A 191 7.37 -2.55 15.79
C VAL A 191 6.66 -2.11 17.07
N SER A 192 7.36 -1.30 17.86
CA SER A 192 6.82 -0.74 19.08
C SER A 192 7.66 0.48 19.48
N LYS A 193 7.25 1.15 20.55
CA LYS A 193 7.99 2.30 21.08
C LYS A 193 9.46 1.97 21.29
N ASP A 194 9.73 0.74 21.73
CA ASP A 194 11.07 0.34 22.10
C ASP A 194 11.84 -0.33 20.97
N GLU A 195 11.20 -0.49 19.82
CA GLU A 195 11.80 -1.29 18.78
C GLU A 195 11.55 -0.76 17.37
N TYR A 197 12.72 -1.70 13.70
CA TYR A 197 13.30 -2.78 12.91
C TYR A 197 14.19 -2.18 11.81
N ASP A 198 15.24 -2.90 11.42
CA ASP A 198 16.14 -2.48 10.34
C ASP A 198 15.39 -2.46 9.02
N ARG A 199 15.18 -1.29 8.43
CA ARG A 199 14.31 -1.16 7.25
C ARG A 199 14.90 -1.84 5.99
N TYR A 200 16.22 -1.86 5.86
CA TYR A 200 16.88 -2.52 4.72
C TYR A 200 16.77 -4.05 4.81
N LYS A 201 17.02 -4.60 6.00
CA LYS A 201 16.82 -6.03 6.23
C LYS A 201 15.35 -6.43 6.05
N GLY A 202 14.44 -5.65 6.63
CA GLY A 202 13.02 -5.87 6.52
C GLY A 202 12.41 -5.85 5.11
N VAL A 203 12.74 -4.82 4.32
CA VAL A 203 12.31 -4.81 2.92
C VAL A 203 12.88 -6.02 2.19
N GLU A 204 14.15 -6.33 2.43
CA GLU A 204 14.76 -7.46 1.77
C GLU A 204 14.05 -8.78 2.14
N GLU A 205 13.63 -8.91 3.39
CA GLU A 205 12.86 -10.05 3.85
C GLU A 205 11.47 -10.12 3.20
N LEU A 206 10.93 -8.96 2.79
CA LEU A 206 9.58 -8.94 2.27
C LEU A 206 9.53 -8.99 0.74
N PRO A 208 10.63 -11.07 -1.54
CA PRO A 208 10.25 -12.27 -2.30
C PRO A 208 8.76 -12.41 -2.57
N PHE A 209 7.94 -11.68 -1.82
CA PHE A 209 6.50 -11.77 -1.92
C PHE A 209 5.89 -10.51 -2.54
N ALA A 210 6.72 -9.54 -2.91
CA ALA A 210 6.21 -8.20 -3.22
C ALA A 210 5.38 -8.12 -4.51
N LYS A 211 4.19 -7.53 -4.45
CA LYS A 211 3.40 -7.32 -5.67
C LYS A 211 3.37 -5.83 -5.99
N ALA A 212 3.86 -5.04 -5.04
CA ALA A 212 3.84 -3.60 -5.13
C ALA A 212 4.88 -3.10 -4.13
N VAL A 213 5.36 -1.88 -4.29
CA VAL A 213 6.33 -1.32 -3.36
C VAL A 213 5.91 0.11 -3.02
N SER A 214 6.08 0.50 -1.76
CA SER A 214 5.65 1.82 -1.29
C SER A 214 6.85 2.69 -0.89
N ALA A 215 7.11 3.71 -1.70
CA ALA A 215 8.20 4.62 -1.39
C ALA A 215 7.75 5.66 -0.34
N LYS A 216 7.82 5.27 0.92
CA LYS A 216 7.50 6.16 2.03
C LYS A 216 8.55 7.26 2.14
N SER A 217 8.09 8.51 2.34
CA SER A 217 8.98 9.66 2.58
C SER A 217 8.39 10.56 3.64
N HIS A 218 9.26 11.30 4.34
CA HIS A 218 8.87 12.28 5.35
C HIS A 218 9.61 13.60 5.18
N ASP A 219 10.93 13.52 5.13
CA ASP A 219 11.79 14.69 5.19
C ASP A 219 12.97 14.57 4.22
N PHE A 220 13.36 15.70 3.63
CA PHE A 220 14.44 15.78 2.64
C PHE A 220 15.52 16.77 3.06
N ASP A 221 16.77 16.50 2.68
CA ASP A 221 17.85 17.44 2.99
C ASP A 221 18.07 18.45 1.83
N ALA A 222 19.09 19.30 1.97
CA ALA A 222 19.36 20.36 1.00
C ALA A 222 19.69 19.84 -0.40
N ALA A 223 20.01 18.56 -0.51
CA ALA A 223 20.32 18.00 -1.81
C ALA A 223 19.13 17.20 -2.35
N GLY A 224 18.02 17.21 -1.63
CA GLY A 224 16.84 16.50 -2.08
C GLY A 224 16.79 15.00 -1.76
N ASN A 225 17.74 14.55 -0.95
CA ASN A 225 17.76 13.16 -0.51
C ASN A 225 16.90 12.96 0.74
N GLU A 226 16.19 11.83 0.80
CA GLU A 226 15.32 11.60 1.95
C GLU A 226 16.24 11.33 3.15
N ILE A 227 15.89 11.94 4.28
CA ILE A 227 16.74 11.94 5.46
C ILE A 227 16.75 10.61 6.24
N HIS A 228 15.68 9.83 6.17
CA HIS A 228 15.51 8.66 7.06
C HIS A 228 15.85 7.37 6.33
N THR A 229 15.69 7.41 5.02
CA THR A 229 15.85 6.26 4.16
C THR A 229 16.73 6.63 2.97
N ASP A 230 17.79 5.85 2.78
CA ASP A 230 18.71 6.02 1.65
C ASP A 230 18.05 5.37 0.44
N TYR A 231 17.53 6.18 -0.49
CA TYR A 231 16.75 5.63 -1.60
C TYR A 231 17.63 4.87 -2.61
N ARG A 232 18.91 5.23 -2.72
CA ARG A 232 19.78 4.51 -3.65
C ARG A 232 19.93 3.08 -3.16
N LYS A 233 20.27 2.98 -1.89
CA LYS A 233 20.48 1.70 -1.23
C LYS A 233 19.18 0.91 -1.27
N LYS A 236 18.28 -0.38 -4.78
CA LYS A 236 19.18 -1.49 -5.13
C LYS A 236 18.64 -2.82 -4.58
N ILE A 237 18.14 -2.80 -3.36
CA ILE A 237 17.56 -3.97 -2.74
C ILE A 237 16.34 -4.40 -3.55
N VAL A 238 15.45 -3.44 -3.80
CA VAL A 238 14.24 -3.69 -4.57
C VAL A 238 14.57 -4.29 -5.93
N ALA A 239 15.47 -3.67 -6.69
CA ALA A 239 15.82 -4.19 -8.01
C ALA A 239 16.53 -5.55 -7.99
N SER A 240 17.19 -5.89 -6.88
CA SER A 240 17.95 -7.14 -6.86
C SER A 240 17.01 -8.33 -6.84
N PHE A 241 15.73 -8.09 -6.56
CA PHE A 241 14.71 -9.15 -6.59
C PHE A 241 13.95 -9.12 -7.91
N GLY A 242 14.49 -8.40 -8.89
CA GLY A 242 13.88 -8.33 -10.20
C GLY A 242 12.60 -7.52 -10.29
N TYR A 243 12.31 -6.71 -9.27
CA TYR A 243 11.07 -5.95 -9.29
C TYR A 243 11.22 -4.75 -10.21
N LYS A 244 10.31 -4.64 -11.18
CA LYS A 244 10.39 -3.60 -12.19
C LYS A 244 9.03 -2.93 -12.38
N GLY A 245 8.12 -3.19 -11.45
CA GLY A 245 6.79 -2.59 -11.50
C GLY A 245 6.75 -1.16 -10.99
N TYR A 246 5.59 -0.78 -10.49
CA TYR A 246 5.39 0.57 -9.97
C TYR A 246 5.86 0.68 -8.55
N VAL A 247 6.50 1.79 -8.26
CA VAL A 247 6.91 2.18 -6.93
C VAL A 247 6.05 3.40 -6.58
N GLY A 248 5.25 3.30 -5.53
CA GLY A 248 4.28 4.33 -5.20
C GLY A 248 4.72 5.34 -4.15
N ILE A 249 4.65 6.62 -4.51
CA ILE A 249 5.01 7.68 -3.62
C ILE A 249 4.00 7.77 -2.48
N GLU A 250 4.49 7.67 -1.25
CA GLU A 250 3.61 7.79 -0.11
C GLU A 250 4.25 8.77 0.87
N TYR A 251 3.96 10.06 0.66
CA TYR A 251 4.53 11.14 1.45
C TYR A 251 3.72 11.34 2.71
N GLU A 252 4.39 11.25 3.86
CA GLU A 252 3.71 11.38 5.14
C GLU A 252 4.40 12.37 6.10
N GLY A 253 5.21 13.26 5.53
CA GLY A 253 5.92 14.23 6.36
C GLY A 253 5.07 15.36 6.89
N SER A 254 5.59 16.06 7.89
CA SER A 254 4.84 17.11 8.56
C SER A 254 5.45 18.48 8.36
N LYS A 255 6.58 18.58 7.65
CA LYS A 255 7.24 19.87 7.55
C LYS A 255 6.92 20.56 6.23
N ILE A 256 7.28 19.94 5.11
CA ILE A 256 6.91 20.53 3.83
C ILE A 256 5.52 20.07 3.43
N SER A 257 4.85 20.87 2.61
CA SER A 257 3.50 20.58 2.19
C SER A 257 3.44 19.22 1.47
N GLU A 258 2.26 18.65 1.38
CA GLU A 258 2.08 17.42 0.63
C GLU A 258 2.50 17.60 -0.82
N ALA A 259 2.21 18.77 -1.39
CA ALA A 259 2.54 18.98 -2.80
C ALA A 259 4.05 18.93 -2.97
N ASP A 260 4.78 19.65 -2.11
CA ASP A 260 6.25 19.62 -2.17
C ASP A 260 6.81 18.23 -1.83
N GLY A 261 6.16 17.52 -0.91
CA GLY A 261 6.64 16.23 -0.47
C GLY A 261 6.56 15.25 -1.61
N ILE A 262 5.44 15.28 -2.32
CA ILE A 262 5.24 14.42 -3.47
C ILE A 262 6.27 14.73 -4.55
N LYS A 263 6.48 16.01 -4.83
CA LYS A 263 7.41 16.42 -5.86
C LYS A 263 8.84 15.99 -5.49
N ALA A 264 9.22 16.14 -4.22
CA ALA A 264 10.56 15.78 -3.81
C ALA A 264 10.76 14.26 -3.96
N THR A 265 9.73 13.47 -3.61
CA THR A 265 9.85 12.03 -3.70
C THR A 265 9.95 11.61 -5.16
N LYS A 266 9.11 12.19 -6.01
CA LYS A 266 9.15 11.88 -7.43
C LYS A 266 10.54 12.21 -8.02
N LYS A 267 11.06 13.37 -7.66
CA LYS A 267 12.36 13.79 -8.16
C LYS A 267 13.47 12.85 -7.69
N LEU A 268 13.40 12.43 -6.42
CA LEU A 268 14.38 11.47 -5.89
C LEU A 268 14.32 10.14 -6.63
N LEU A 269 13.12 9.60 -6.78
CA LEU A 269 12.94 8.34 -7.51
C LEU A 269 13.46 8.45 -8.95
N GLU A 270 13.24 9.59 -9.58
CA GLU A 270 13.69 9.75 -10.96
C GLU A 270 15.20 9.80 -11.06
N THR A 271 15.83 10.44 -10.09
CA THR A 271 17.29 10.53 -10.04
C THR A 271 17.90 9.15 -9.85
N VAL A 272 17.34 8.41 -8.91
CA VAL A 272 17.83 7.09 -8.59
C VAL A 272 17.63 6.16 -9.77
N ARG A 273 16.48 6.27 -10.41
CA ARG A 273 16.19 5.46 -11.58
C ARG A 273 17.16 5.73 -12.72
N SER A 274 17.51 6.99 -12.94
CA SER A 274 18.45 7.33 -14.00
C SER A 274 19.84 6.76 -13.77
N GLU A 275 20.18 6.46 -12.53
CA GLU A 275 21.47 5.84 -12.22
C GLU A 275 21.42 4.34 -12.40
N ALA A 277 20.25 0.83 -14.64
CA ALA A 277 20.23 0.44 -16.04
C ALA A 277 20.20 -1.07 -16.15
#